data_4EPL
#
_entry.id   4EPL
#
_cell.length_a   107.039
_cell.length_b   159.024
_cell.length_c   76.401
_cell.angle_alpha   90.00
_cell.angle_beta   90.00
_cell.angle_gamma   90.00
#
_symmetry.space_group_name_H-M   'C 2 2 2'
#
loop_
_entity.id
_entity.type
_entity.pdbx_description
1 polymer 'Jasmonic acid-amido synthetase JAR1'
2 non-polymer N-({(1R,2R)-3-oxo-2-[(2Z)-pent-2-en-1-yl]cyclopentyl}acetyl)-L-isoleucine
3 water water
#
_entity_poly.entity_id   1
_entity_poly.type   'polypeptide(L)'
_entity_poly.pdbx_seq_one_letter_code
;GSHMARMLEKVETFDMNRVIDEFDEMTRNAHQVQKQTLKEILLKNQSAIYLQNCGLNGNATDPEEAFKSMVPLVTDVELE
PYIKRMVDGDTSPILTGHPVPAISLSSGTSQGRPKFIPFTDELMENTLQLFRTAFAFRNRDFPIDDNGKALQFIFSSKQY
ISTGGVPVGTATTNVYRNPNFKAGMKSITSPSCSPDEVIFSPDVHQALYCHLLSGILFRDQVQYVFAVFAHGLVHAFRTF
EQVWEEIVTDIKDGVLSNRITVPSVRTAMSKLLTPNPELAETIRTKCMSLSNWYGLIPALFPNAKYVYGIMTGSMEPYVP
KLRHYAGDLPLVSHDYGSSEGWIAANVTPRLSPEEATFAVIPNLGYFEFLPVSETGEGEEKPVGLTQVKIGEEYEVVITN
YAGLYRYRLGDVVKVIGFYNNTPQLKFICRRNLILSINIDKNTERDLQLSVESAAKRLSEEKIEVIDFSSYIDVSTDPGH
YAIFWEISGETNEDVLQDCCNCLDRAFIDAGYVSSRKCKTIGALELRVVAKGTFRKIQEHFLGLGSSAGQFKMPRCVKPS
NAKVLQILCENVVSSYFSTAF
;
_entity_poly.pdbx_strand_id   A
#
# COMPACT_ATOMS: atom_id res chain seq x y z
N THR A 13 14.33 -2.00 -26.29
CA THR A 13 13.33 -1.26 -27.08
C THR A 13 11.91 -1.84 -27.05
N PHE A 14 10.99 -1.07 -26.46
CA PHE A 14 9.60 -1.52 -26.28
C PHE A 14 8.84 -1.74 -27.58
N ASP A 15 8.25 -2.92 -27.69
CA ASP A 15 7.31 -3.24 -28.76
C ASP A 15 6.12 -3.96 -28.13
N MET A 16 4.96 -3.32 -28.19
CA MET A 16 3.76 -3.80 -27.50
C MET A 16 3.47 -5.28 -27.81
N ASN A 17 3.40 -5.60 -29.10
CA ASN A 17 3.08 -6.95 -29.53
C ASN A 17 4.14 -7.97 -29.10
N ARG A 18 5.41 -7.59 -29.19
CA ARG A 18 6.51 -8.44 -28.73
C ARG A 18 6.35 -8.74 -27.24
N VAL A 19 6.09 -7.71 -26.45
CA VAL A 19 5.92 -7.87 -25.02
C VAL A 19 4.76 -8.82 -24.70
N ILE A 20 3.65 -8.65 -25.40
CA ILE A 20 2.49 -9.52 -25.21
C ILE A 20 2.81 -10.98 -25.59
N ASP A 21 3.48 -11.17 -26.72
CA ASP A 21 3.86 -12.51 -27.15
C ASP A 21 4.79 -13.20 -26.15
N GLU A 22 5.71 -12.42 -25.56
CA GLU A 22 6.63 -12.95 -24.57
C GLU A 22 5.89 -13.39 -23.32
N PHE A 23 4.93 -12.58 -22.90
CA PHE A 23 4.11 -12.97 -21.75
C PHE A 23 3.29 -14.22 -22.11
N ASP A 24 2.82 -14.28 -23.35
CA ASP A 24 2.03 -15.43 -23.77
C ASP A 24 2.86 -16.73 -23.70
N GLU A 25 4.05 -16.71 -24.27
CA GLU A 25 4.90 -17.91 -24.25
C GLU A 25 5.25 -18.33 -22.82
N MET A 26 5.52 -17.36 -21.96
CA MET A 26 5.92 -17.65 -20.59
C MET A 26 4.77 -18.30 -19.82
N THR A 27 3.56 -17.83 -20.07
CA THR A 27 2.41 -18.37 -19.35
C THR A 27 1.95 -19.69 -19.98
N ARG A 28 2.25 -19.90 -21.25
CA ARG A 28 2.06 -21.21 -21.84
C ARG A 28 3.03 -22.20 -21.20
N ASN A 29 4.19 -21.71 -20.76
CA ASN A 29 5.22 -22.60 -20.24
C ASN A 29 5.41 -22.37 -18.75
N ALA A 30 4.34 -21.94 -18.09
CA ALA A 30 4.43 -21.53 -16.69
C ALA A 30 5.09 -22.59 -15.79
N HIS A 31 4.76 -23.86 -16.00
CA HIS A 31 5.32 -24.91 -15.15
C HIS A 31 6.84 -24.96 -15.28
N GLN A 32 7.32 -24.97 -16.52
CA GLN A 32 8.75 -25.04 -16.80
C GLN A 32 9.47 -23.78 -16.31
N VAL A 33 8.84 -22.62 -16.49
CA VAL A 33 9.46 -21.36 -16.09
C VAL A 33 9.55 -21.27 -14.57
N GLN A 34 8.53 -21.76 -13.88
CA GLN A 34 8.58 -21.86 -12.42
C GLN A 34 9.82 -22.64 -11.97
N LYS A 35 10.00 -23.83 -12.55
CA LYS A 35 11.11 -24.71 -12.18
C LYS A 35 12.46 -24.09 -12.49
N GLN A 36 12.56 -23.44 -13.65
CA GLN A 36 13.80 -22.79 -14.06
C GLN A 36 14.11 -21.59 -13.16
N THR A 37 13.05 -20.93 -12.72
CA THR A 37 13.18 -19.75 -11.89
C THR A 37 13.67 -20.13 -10.49
N LEU A 38 13.14 -21.22 -9.93
CA LEU A 38 13.59 -21.73 -8.65
C LEU A 38 15.08 -22.07 -8.77
N LYS A 39 15.42 -22.81 -9.81
CA LYS A 39 16.81 -23.22 -9.97
C LYS A 39 17.74 -22.01 -10.00
N GLU A 40 17.33 -20.96 -10.71
CA GLU A 40 18.13 -19.74 -10.77
C GLU A 40 18.21 -19.00 -9.44
N ILE A 41 17.10 -18.92 -8.71
CA ILE A 41 17.11 -18.31 -7.39
C ILE A 41 18.08 -19.06 -6.48
N LEU A 42 18.02 -20.39 -6.51
CA LEU A 42 18.88 -21.18 -5.65
C LEU A 42 20.37 -21.11 -6.02
N LEU A 43 20.67 -21.02 -7.31
CA LEU A 43 22.05 -20.86 -7.78
C LEU A 43 22.62 -19.52 -7.34
N LYS A 44 21.85 -18.47 -7.53
CA LYS A 44 22.29 -17.12 -7.21
C LYS A 44 22.59 -16.97 -5.71
N ASN A 45 21.76 -17.60 -4.88
CA ASN A 45 21.83 -17.39 -3.44
C ASN A 45 22.38 -18.55 -2.65
N GLN A 46 23.08 -19.47 -3.31
CA GLN A 46 23.43 -20.73 -2.67
C GLN A 46 24.33 -20.56 -1.44
N SER A 47 25.11 -19.48 -1.40
CA SER A 47 26.05 -19.26 -0.29
C SER A 47 25.36 -18.68 0.94
N ALA A 48 24.10 -18.31 0.78
CA ALA A 48 23.33 -17.72 1.90
C ALA A 48 23.29 -18.73 3.04
N ILE A 49 23.68 -18.30 4.24
CA ILE A 49 23.78 -19.29 5.33
C ILE A 49 22.40 -19.84 5.64
N TYR A 50 21.38 -19.03 5.40
CA TYR A 50 20.01 -19.52 5.60
C TYR A 50 19.79 -20.77 4.75
N LEU A 51 20.24 -20.73 3.51
CA LEU A 51 20.04 -21.85 2.59
C LEU A 51 21.03 -22.97 2.88
N GLN A 52 22.28 -22.61 3.14
CA GLN A 52 23.25 -23.64 3.51
C GLN A 52 22.79 -24.40 4.73
N ASN A 53 22.16 -23.72 5.69
CA ASN A 53 21.76 -24.39 6.92
C ASN A 53 20.62 -25.41 6.72
N CYS A 54 19.95 -25.32 5.57
CA CYS A 54 18.90 -26.28 5.21
C CYS A 54 19.45 -27.55 4.57
N GLY A 55 20.72 -27.52 4.16
CA GLY A 55 21.33 -28.67 3.54
C GLY A 55 21.49 -28.52 2.03
N LEU A 56 21.17 -27.32 1.52
CA LEU A 56 21.30 -27.02 0.09
C LEU A 56 22.73 -26.59 -0.27
N ASN A 57 23.17 -26.99 -1.46
CA ASN A 57 24.49 -26.63 -1.97
C ASN A 57 24.48 -26.60 -3.50
N ASP A 62 16.89 -33.37 -8.78
CA ASP A 62 15.90 -33.15 -7.73
C ASP A 62 16.10 -31.81 -7.01
N PRO A 63 16.29 -30.73 -7.76
CA PRO A 63 16.53 -29.42 -7.16
C PRO A 63 15.25 -28.85 -6.56
N GLU A 64 14.15 -28.98 -7.30
CA GLU A 64 12.84 -28.59 -6.81
C GLU A 64 12.44 -29.51 -5.67
N GLU A 65 12.69 -30.80 -5.85
CA GLU A 65 12.36 -31.78 -4.81
C GLU A 65 13.13 -31.50 -3.53
N ALA A 66 14.46 -31.40 -3.64
CA ALA A 66 15.30 -31.08 -2.50
C ALA A 66 14.80 -29.84 -1.80
N PHE A 67 14.45 -28.81 -2.58
CA PHE A 67 13.97 -27.55 -2.04
C PHE A 67 12.79 -27.74 -1.09
N LYS A 68 11.76 -28.46 -1.55
CA LYS A 68 10.52 -28.57 -0.77
C LYS A 68 10.65 -29.51 0.43
N SER A 69 11.63 -30.40 0.41
CA SER A 69 11.83 -31.30 1.54
C SER A 69 12.79 -30.74 2.58
N MET A 70 13.66 -29.83 2.17
CA MET A 70 14.72 -29.32 3.06
C MET A 70 14.43 -27.94 3.61
N VAL A 71 13.61 -27.20 2.89
CA VAL A 71 13.36 -25.81 3.24
C VAL A 71 11.96 -25.67 3.83
N PRO A 72 11.87 -25.15 5.06
CA PRO A 72 10.61 -25.06 5.81
C PRO A 72 9.82 -23.81 5.39
N LEU A 73 8.50 -23.86 5.50
CA LEU A 73 7.73 -22.62 5.38
C LEU A 73 8.22 -21.72 6.50
N VAL A 74 8.26 -20.41 6.26
CA VAL A 74 8.78 -19.49 7.25
C VAL A 74 7.90 -18.23 7.30
N THR A 75 7.94 -17.53 8.45
CA THR A 75 7.15 -16.30 8.63
C THR A 75 8.06 -15.11 8.83
N ASP A 76 7.49 -13.91 8.67
CA ASP A 76 8.26 -12.68 8.88
C ASP A 76 8.97 -12.70 10.25
N VAL A 77 8.29 -13.23 11.25
CA VAL A 77 8.86 -13.28 12.60
C VAL A 77 10.12 -14.13 12.68
N GLU A 78 10.10 -15.29 12.02
CA GLU A 78 11.27 -16.16 11.99
C GLU A 78 12.44 -15.53 11.25
N LEU A 79 12.15 -14.71 10.26
CA LEU A 79 13.20 -14.08 9.46
C LEU A 79 13.76 -12.81 10.10
N GLU A 80 13.06 -12.30 11.12
CA GLU A 80 13.43 -11.01 11.69
C GLU A 80 14.92 -10.91 12.11
N PRO A 81 15.44 -11.93 12.82
CA PRO A 81 16.85 -11.77 13.23
C PRO A 81 17.81 -11.78 12.06
N TYR A 82 17.53 -12.58 11.03
CA TYR A 82 18.41 -12.60 9.84
C TYR A 82 18.40 -11.24 9.13
N ILE A 83 17.20 -10.70 8.91
CA ILE A 83 17.07 -9.42 8.22
C ILE A 83 17.69 -8.32 9.06
N LYS A 84 17.55 -8.41 10.38
CA LYS A 84 18.17 -7.43 11.27
C LYS A 84 19.69 -7.30 11.03
N ARG A 85 20.34 -8.44 10.86
CA ARG A 85 21.78 -8.46 10.56
C ARG A 85 22.08 -7.70 9.26
N MET A 86 21.23 -7.87 8.26
CA MET A 86 21.39 -7.18 6.99
C MET A 86 21.16 -5.66 7.13
N VAL A 87 20.15 -5.27 7.91
CA VAL A 87 19.88 -3.84 8.15
C VAL A 87 21.06 -3.20 8.89
N ASP A 88 21.73 -4.00 9.72
CA ASP A 88 22.88 -3.52 10.48
C ASP A 88 24.19 -3.53 9.69
N GLY A 89 24.13 -3.87 8.40
CA GLY A 89 25.30 -3.72 7.54
C GLY A 89 26.18 -4.94 7.35
N ASP A 90 25.77 -6.09 7.87
CA ASP A 90 26.50 -7.32 7.56
C ASP A 90 26.35 -7.59 6.06
N THR A 91 27.48 -7.77 5.37
CA THR A 91 27.47 -7.97 3.92
C THR A 91 27.81 -9.40 3.49
N SER A 92 28.00 -10.28 4.46
CA SER A 92 28.23 -11.69 4.13
C SER A 92 26.89 -12.31 3.71
N PRO A 93 26.91 -13.50 3.08
CA PRO A 93 25.66 -14.08 2.59
C PRO A 93 24.77 -14.57 3.76
N ILE A 94 23.63 -13.91 3.94
CA ILE A 94 22.74 -14.27 5.03
C ILE A 94 21.44 -14.82 4.45
N LEU A 95 20.70 -13.97 3.75
CA LEU A 95 19.53 -14.41 2.99
C LEU A 95 19.76 -14.27 1.48
N THR A 96 20.83 -13.58 1.09
CA THR A 96 21.12 -13.31 -0.33
C THR A 96 22.57 -13.64 -0.64
N GLY A 97 22.85 -13.92 -1.91
CA GLY A 97 24.21 -14.25 -2.32
C GLY A 97 25.11 -13.04 -2.40
N HIS A 98 24.50 -11.86 -2.54
CA HIS A 98 25.26 -10.59 -2.62
C HIS A 98 24.61 -9.55 -1.71
N PRO A 99 25.40 -8.56 -1.24
CA PRO A 99 24.87 -7.55 -0.31
C PRO A 99 23.71 -6.78 -0.93
N VAL A 100 22.67 -6.50 -0.15
CA VAL A 100 21.52 -5.79 -0.71
C VAL A 100 21.79 -4.29 -0.79
N PRO A 101 21.31 -3.63 -1.87
CA PRO A 101 21.51 -2.18 -2.03
C PRO A 101 20.56 -1.37 -1.12
N ALA A 102 19.46 -1.97 -0.70
CA ALA A 102 18.52 -1.26 0.18
C ALA A 102 17.68 -2.23 1.01
N ILE A 103 17.01 -1.67 2.01
CA ILE A 103 16.05 -2.40 2.83
C ILE A 103 14.70 -1.73 2.67
N SER A 104 13.64 -2.52 2.48
CA SER A 104 12.28 -1.97 2.41
C SER A 104 11.60 -2.00 3.76
N LEU A 105 11.11 -0.83 4.20
CA LEU A 105 10.28 -0.77 5.39
C LEU A 105 8.85 -1.12 4.99
N SER A 106 8.34 -2.24 5.51
CA SER A 106 7.03 -2.75 5.07
C SER A 106 5.86 -2.27 5.93
N SER A 107 4.65 -2.33 5.39
CA SER A 107 3.46 -2.11 6.19
C SER A 107 3.26 -3.36 7.06
N GLY A 108 2.48 -3.24 8.13
CA GLY A 108 2.36 -4.34 9.08
C GLY A 108 3.54 -4.35 10.01
N THR A 109 3.52 -5.25 10.99
CA THR A 109 4.62 -5.33 11.95
C THR A 109 5.14 -6.75 12.06
N SER A 110 6.30 -6.90 12.71
CA SER A 110 6.81 -8.20 13.07
C SER A 110 6.62 -8.35 14.58
N GLN A 111 5.53 -9.02 14.97
CA GLN A 111 5.15 -9.10 16.37
C GLN A 111 5.11 -7.73 17.04
N GLY A 112 4.65 -6.71 16.32
CA GLY A 112 4.54 -5.37 16.89
C GLY A 112 5.76 -4.49 16.65
N ARG A 113 6.84 -5.08 16.17
CA ARG A 113 8.06 -4.33 15.83
C ARG A 113 8.09 -3.99 14.34
N PRO A 114 8.97 -3.04 13.96
CA PRO A 114 9.07 -2.65 12.55
C PRO A 114 9.44 -3.85 11.69
N LYS A 115 8.85 -3.90 10.51
CA LYS A 115 9.05 -5.05 9.63
C LYS A 115 9.86 -4.61 8.42
N PHE A 116 11.00 -5.26 8.24
CA PHE A 116 11.93 -4.95 7.15
C PHE A 116 12.03 -6.13 6.18
N ILE A 117 12.19 -5.82 4.89
CA ILE A 117 12.34 -6.81 3.84
C ILE A 117 13.48 -6.37 2.94
N PRO A 118 14.40 -7.29 2.57
CA PRO A 118 15.48 -6.87 1.67
C PRO A 118 14.95 -6.31 0.33
N PHE A 119 15.64 -5.33 -0.23
CA PHE A 119 15.35 -4.85 -1.58
C PHE A 119 16.58 -5.09 -2.44
N THR A 120 16.45 -5.91 -3.48
CA THR A 120 17.58 -6.30 -4.32
C THR A 120 17.47 -5.75 -5.73
N ASP A 121 18.58 -5.73 -6.46
CA ASP A 121 18.56 -5.29 -7.85
C ASP A 121 17.58 -6.13 -8.68
N GLU A 122 17.46 -7.41 -8.35
CA GLU A 122 16.50 -8.27 -9.02
C GLU A 122 15.07 -7.77 -8.86
N LEU A 123 14.73 -7.29 -7.67
CA LEU A 123 13.38 -6.77 -7.45
C LEU A 123 13.13 -5.58 -8.35
N MET A 124 14.17 -4.78 -8.60
CA MET A 124 14.02 -3.66 -9.52
C MET A 124 13.76 -4.14 -10.94
N GLU A 125 14.56 -5.11 -11.40
CA GLU A 125 14.31 -5.73 -12.70
C GLU A 125 12.88 -6.26 -12.81
N ASN A 126 12.41 -6.97 -11.77
CA ASN A 126 11.04 -7.48 -11.75
C ASN A 126 10.01 -6.35 -11.91
N THR A 127 10.23 -5.25 -11.20
CA THR A 127 9.30 -4.13 -11.24
C THR A 127 9.20 -3.60 -12.65
N LEU A 128 10.35 -3.47 -13.31
CA LEU A 128 10.40 -2.94 -14.66
C LEU A 128 9.76 -3.90 -15.67
N GLN A 129 10.01 -5.19 -15.48
CA GLN A 129 9.39 -6.21 -16.33
C GLN A 129 7.87 -6.20 -16.18
N LEU A 130 7.39 -6.13 -14.94
CA LEU A 130 5.95 -6.12 -14.72
C LEU A 130 5.28 -4.85 -15.23
N PHE A 131 5.93 -3.70 -15.04
CA PHE A 131 5.37 -2.45 -15.55
C PHE A 131 5.27 -2.51 -17.07
N ARG A 132 6.32 -3.04 -17.69
CA ARG A 132 6.36 -3.16 -19.15
C ARG A 132 5.23 -4.09 -19.64
N THR A 133 5.07 -5.23 -18.99
CA THR A 133 4.00 -6.16 -19.36
C THR A 133 2.63 -5.52 -19.20
N ALA A 134 2.39 -4.90 -18.05
CA ALA A 134 1.06 -4.32 -17.82
C ALA A 134 0.81 -3.21 -18.83
N PHE A 135 1.83 -2.40 -19.11
CA PHE A 135 1.65 -1.30 -20.06
C PHE A 135 1.26 -1.82 -21.45
N ALA A 136 1.89 -2.92 -21.87
CA ALA A 136 1.67 -3.43 -23.20
C ALA A 136 0.19 -3.77 -23.41
N PHE A 137 -0.38 -4.51 -22.46
CA PHE A 137 -1.80 -4.87 -22.51
C PHE A 137 -2.71 -3.65 -22.38
N ARG A 138 -2.35 -2.72 -21.50
CA ARG A 138 -3.14 -1.51 -21.29
C ARG A 138 -3.15 -0.61 -22.52
N ASN A 139 -1.97 -0.45 -23.14
CA ASN A 139 -1.85 0.42 -24.30
C ASN A 139 -2.47 -0.18 -25.54
N ARG A 140 -2.65 -1.50 -25.50
CA ARG A 140 -3.39 -2.19 -26.54
C ARG A 140 -4.87 -1.86 -26.46
N ASP A 141 -5.42 -1.88 -25.24
CA ASP A 141 -6.86 -1.64 -25.10
C ASP A 141 -7.23 -0.18 -24.89
N PHE A 142 -6.26 0.60 -24.40
CA PHE A 142 -6.46 2.03 -24.15
C PHE A 142 -5.28 2.84 -24.70
N PRO A 143 -5.16 2.92 -26.05
CA PRO A 143 -3.98 3.58 -26.62
C PRO A 143 -3.87 5.07 -26.26
N ILE A 144 -2.70 5.48 -25.78
CA ILE A 144 -2.46 6.89 -25.44
C ILE A 144 -1.66 7.59 -26.53
N ASP A 145 -1.74 8.91 -26.56
CA ASP A 145 -0.90 9.72 -27.45
C ASP A 145 0.53 9.70 -26.92
N ASP A 146 1.49 9.39 -27.80
CA ASP A 146 2.89 9.29 -27.35
C ASP A 146 3.62 10.63 -27.29
N ASN A 147 2.92 11.72 -27.59
CA ASN A 147 3.45 13.07 -27.38
C ASN A 147 2.80 13.78 -26.19
N GLY A 148 2.17 13.02 -25.31
CA GLY A 148 1.44 13.59 -24.18
C GLY A 148 2.15 13.43 -22.85
N LYS A 149 1.41 13.60 -21.76
CA LYS A 149 1.95 13.44 -20.42
C LYS A 149 1.03 12.63 -19.55
N ALA A 150 1.51 12.26 -18.36
CA ALA A 150 0.65 11.62 -17.37
C ALA A 150 0.63 12.47 -16.10
N LEU A 151 -0.50 12.44 -15.38
CA LEU A 151 -0.55 13.02 -14.05
C LEU A 151 -0.25 11.86 -13.11
N GLN A 152 0.92 11.88 -12.48
CA GLN A 152 1.36 10.77 -11.65
C GLN A 152 1.60 11.21 -10.21
N PHE A 153 0.66 10.87 -9.35
CA PHE A 153 0.72 11.28 -7.95
C PHE A 153 1.61 10.32 -7.19
N ILE A 154 2.92 10.47 -7.36
CA ILE A 154 3.85 9.62 -6.64
C ILE A 154 4.76 10.45 -5.75
N PHE A 155 5.25 9.83 -4.68
CA PHE A 155 5.99 10.53 -3.63
C PHE A 155 7.10 9.65 -3.11
N SER A 156 8.26 10.24 -2.91
CA SER A 156 9.31 9.59 -2.12
C SER A 156 9.93 10.67 -1.28
N SER A 157 9.38 10.90 -0.09
CA SER A 157 9.77 12.06 0.69
C SER A 157 11.01 11.78 1.52
N LYS A 158 11.38 10.51 1.65
CA LYS A 158 12.47 10.16 2.54
C LYS A 158 13.10 8.80 2.26
N GLN A 159 14.41 8.73 2.36
CA GLN A 159 15.08 7.44 2.44
C GLN A 159 16.23 7.64 3.40
N TYR A 160 16.16 7.00 4.57
CA TYR A 160 17.23 7.21 5.55
C TYR A 160 18.27 6.09 5.47
N ILE A 161 19.37 6.28 6.19
CA ILE A 161 20.44 5.30 6.27
C ILE A 161 20.43 4.66 7.66
N SER A 162 20.35 3.34 7.71
CA SER A 162 20.37 2.61 8.98
C SER A 162 21.67 2.91 9.72
N THR A 163 21.71 2.61 11.02
CA THR A 163 22.95 2.80 11.78
C THR A 163 24.08 1.95 11.21
N GLY A 164 23.74 0.91 10.45
CA GLY A 164 24.75 0.04 9.87
C GLY A 164 25.18 0.51 8.49
N GLY A 165 24.55 1.58 8.01
CA GLY A 165 24.93 2.21 6.76
C GLY A 165 24.14 1.74 5.55
N VAL A 166 22.98 1.14 5.78
CA VAL A 166 22.14 0.67 4.68
C VAL A 166 20.96 1.61 4.46
N PRO A 167 20.65 1.93 3.20
CA PRO A 167 19.47 2.76 2.90
C PRO A 167 18.20 2.03 3.24
N VAL A 168 17.28 2.72 3.90
CA VAL A 168 15.99 2.15 4.24
C VAL A 168 14.92 3.09 3.71
N GLY A 169 13.98 2.55 2.94
CA GLY A 169 12.85 3.33 2.47
C GLY A 169 11.68 2.38 2.31
N THR A 170 10.49 2.91 1.99
CA THR A 170 9.41 2.04 1.59
C THR A 170 9.79 1.41 0.25
N ALA A 171 9.05 0.39 -0.14
CA ALA A 171 9.34 -0.29 -1.40
C ALA A 171 9.25 0.69 -2.58
N THR A 172 8.19 1.50 -2.65
CA THR A 172 8.07 2.45 -3.75
C THR A 172 9.24 3.44 -3.73
N THR A 173 9.64 3.86 -2.54
CA THR A 173 10.81 4.74 -2.45
C THR A 173 12.06 4.06 -3.00
N ASN A 174 12.23 2.77 -2.71
CA ASN A 174 13.39 2.06 -3.20
C ASN A 174 13.36 1.94 -4.71
N VAL A 175 12.16 1.80 -5.26
CA VAL A 175 11.98 1.82 -6.71
C VAL A 175 12.25 3.22 -7.28
N TYR A 176 11.62 4.27 -6.73
CA TYR A 176 11.76 5.62 -7.29
C TYR A 176 13.18 6.16 -7.24
N ARG A 177 13.96 5.74 -6.23
CA ARG A 177 15.32 6.27 -6.07
C ARG A 177 16.37 5.38 -6.71
N ASN A 178 15.93 4.27 -7.30
CA ASN A 178 16.85 3.42 -8.04
C ASN A 178 17.39 4.17 -9.25
N PRO A 179 18.67 3.96 -9.58
CA PRO A 179 19.37 4.61 -10.70
C PRO A 179 18.75 4.23 -12.05
N ASN A 180 17.96 3.16 -12.08
CA ASN A 180 17.40 2.68 -13.34
C ASN A 180 15.96 3.13 -13.54
N PHE A 181 15.42 3.87 -12.58
CA PHE A 181 14.00 4.20 -12.61
C PHE A 181 13.61 5.09 -13.78
N LYS A 182 14.38 6.15 -14.03
CA LYS A 182 13.97 7.10 -15.07
C LYS A 182 14.08 6.49 -16.46
N ALA A 183 15.29 6.01 -16.79
CA ALA A 183 15.54 5.40 -18.08
C ALA A 183 14.64 4.19 -18.29
N GLY A 184 14.46 3.41 -17.23
CA GLY A 184 13.72 2.16 -17.34
C GLY A 184 12.23 2.35 -17.61
N MET A 185 11.66 3.43 -17.06
CA MET A 185 10.23 3.70 -17.21
C MET A 185 9.93 4.52 -18.48
N LYS A 186 10.98 5.04 -19.10
CA LYS A 186 10.83 6.03 -20.16
C LYS A 186 9.89 5.53 -21.28
N SER A 187 10.07 4.29 -21.71
CA SER A 187 9.36 3.77 -22.89
C SER A 187 7.96 3.21 -22.60
N ILE A 188 7.63 3.06 -21.32
CA ILE A 188 6.43 2.33 -20.91
C ILE A 188 5.59 3.17 -19.97
N THR A 189 5.75 4.48 -20.11
CA THR A 189 5.03 5.44 -19.30
C THR A 189 4.85 6.69 -20.13
N SER A 190 3.87 7.51 -19.79
CA SER A 190 3.78 8.84 -20.38
C SER A 190 4.50 9.78 -19.41
N PRO A 191 5.34 10.67 -19.95
CA PRO A 191 6.15 11.57 -19.10
C PRO A 191 5.30 12.35 -18.08
N SER A 192 5.76 12.39 -16.83
CA SER A 192 5.04 13.09 -15.76
C SER A 192 4.94 14.59 -16.01
N CYS A 193 3.86 15.20 -15.51
CA CYS A 193 3.71 16.67 -15.57
C CYS A 193 4.58 17.37 -14.53
N SER A 194 4.92 16.63 -13.48
CA SER A 194 5.61 17.19 -12.31
C SER A 194 7.12 17.09 -12.42
N PRO A 195 7.83 18.13 -11.95
CA PRO A 195 9.28 18.10 -11.84
C PRO A 195 9.68 17.05 -10.81
N ASP A 196 10.86 16.46 -10.98
CA ASP A 196 11.38 15.49 -10.02
C ASP A 196 11.41 16.07 -8.59
N GLU A 197 11.67 17.36 -8.48
CA GLU A 197 11.75 18.00 -7.16
C GLU A 197 10.44 17.85 -6.38
N VAL A 198 9.33 17.76 -7.09
CA VAL A 198 8.03 17.54 -6.47
C VAL A 198 7.92 16.12 -5.92
N ILE A 199 8.24 15.14 -6.77
CA ILE A 199 8.16 13.74 -6.37
C ILE A 199 8.99 13.49 -5.12
N PHE A 200 10.19 14.07 -5.07
CA PHE A 200 11.11 13.83 -3.95
C PHE A 200 11.05 14.92 -2.87
N SER A 201 9.98 15.72 -2.88
CA SER A 201 9.82 16.73 -1.82
C SER A 201 9.77 16.03 -0.46
N PRO A 202 10.51 16.58 0.52
CA PRO A 202 10.48 16.01 1.88
C PRO A 202 9.13 16.25 2.56
N ASP A 203 8.31 17.12 1.96
CA ASP A 203 7.00 17.49 2.52
C ASP A 203 5.92 17.06 1.53
N VAL A 204 5.18 16.01 1.87
CA VAL A 204 4.33 15.35 0.88
C VAL A 204 3.09 16.16 0.59
N HIS A 205 2.66 16.95 1.57
CA HIS A 205 1.51 17.82 1.38
C HIS A 205 1.81 18.91 0.36
N GLN A 206 3.03 19.45 0.41
CA GLN A 206 3.40 20.42 -0.61
C GLN A 206 3.56 19.75 -1.98
N ALA A 207 4.09 18.53 -1.97
CA ALA A 207 4.22 17.77 -3.22
C ALA A 207 2.86 17.58 -3.87
N LEU A 208 1.86 17.22 -3.07
CA LEU A 208 0.54 16.94 -3.62
C LEU A 208 -0.05 18.19 -4.27
N TYR A 209 0.08 19.33 -3.60
CA TYR A 209 -0.41 20.57 -4.18
C TYR A 209 0.24 20.81 -5.54
N CYS A 210 1.55 20.58 -5.61
CA CYS A 210 2.31 20.86 -6.82
C CYS A 210 2.05 19.87 -7.97
N HIS A 211 1.73 18.62 -7.61
CA HIS A 211 1.26 17.64 -8.58
C HIS A 211 -0.01 18.15 -9.23
N LEU A 212 -0.97 18.57 -8.41
CA LEU A 212 -2.26 19.07 -8.91
C LEU A 212 -2.04 20.24 -9.85
N LEU A 213 -1.22 21.20 -9.43
CA LEU A 213 -0.96 22.38 -10.25
C LEU A 213 -0.24 22.00 -11.54
N SER A 214 0.72 21.08 -11.46
CA SER A 214 1.48 20.67 -12.63
C SER A 214 0.55 20.01 -13.67
N GLY A 215 -0.35 19.16 -13.18
CA GLY A 215 -1.32 18.53 -14.05
C GLY A 215 -2.12 19.56 -14.80
N ILE A 216 -2.63 20.55 -14.08
CA ILE A 216 -3.44 21.60 -14.70
C ILE A 216 -2.65 22.36 -15.75
N LEU A 217 -1.38 22.67 -15.45
CA LEU A 217 -0.55 23.43 -16.37
C LEU A 217 -0.39 22.71 -17.72
N PHE A 218 -0.50 21.39 -17.71
CA PHE A 218 -0.36 20.61 -18.93
C PHE A 218 -1.64 19.80 -19.22
N ARG A 219 -2.78 20.32 -18.78
CA ARG A 219 -4.01 19.52 -18.76
C ARG A 219 -4.37 18.90 -20.11
N ASP A 220 -4.11 19.62 -21.20
CA ASP A 220 -4.47 19.13 -22.54
C ASP A 220 -3.67 17.91 -22.97
N GLN A 221 -2.50 17.74 -22.36
CA GLN A 221 -1.64 16.63 -22.73
C GLN A 221 -1.84 15.38 -21.87
N VAL A 222 -2.53 15.54 -20.74
CA VAL A 222 -2.63 14.44 -19.78
C VAL A 222 -3.43 13.29 -20.38
N GLN A 223 -2.79 12.12 -20.43
CA GLN A 223 -3.35 10.94 -21.10
C GLN A 223 -4.02 9.96 -20.13
N TYR A 224 -3.59 10.03 -18.88
CA TYR A 224 -4.19 9.23 -17.81
C TYR A 224 -3.73 9.81 -16.48
N VAL A 225 -4.35 9.37 -15.39
CA VAL A 225 -4.03 9.85 -14.06
C VAL A 225 -3.69 8.63 -13.19
N PHE A 226 -2.59 8.69 -12.46
CA PHE A 226 -2.12 7.52 -11.69
C PHE A 226 -1.78 7.87 -10.25
N ALA A 227 -2.10 6.95 -9.34
CA ALA A 227 -1.46 6.91 -8.03
C ALA A 227 -1.30 5.44 -7.68
N VAL A 228 -0.39 5.09 -6.78
CA VAL A 228 -0.23 3.67 -6.46
C VAL A 228 -1.55 3.11 -5.93
N PHE A 229 -2.20 3.86 -5.06
CA PHE A 229 -3.42 3.38 -4.41
C PHE A 229 -4.64 4.24 -4.71
N ALA A 230 -5.82 3.62 -4.80
CA ALA A 230 -7.04 4.37 -5.04
C ALA A 230 -7.27 5.44 -3.97
N HIS A 231 -6.95 5.15 -2.71
CA HIS A 231 -7.25 6.13 -1.66
C HIS A 231 -6.38 7.37 -1.85
N GLY A 232 -5.26 7.20 -2.55
CA GLY A 232 -4.38 8.32 -2.84
C GLY A 232 -5.01 9.22 -3.90
N LEU A 233 -5.59 8.61 -4.93
CA LEU A 233 -6.27 9.39 -5.95
C LEU A 233 -7.46 10.14 -5.35
N VAL A 234 -8.21 9.46 -4.49
CA VAL A 234 -9.38 10.09 -3.87
C VAL A 234 -8.91 11.27 -3.02
N HIS A 235 -7.84 11.05 -2.26
CA HIS A 235 -7.31 12.10 -1.39
C HIS A 235 -6.83 13.29 -2.20
N ALA A 236 -6.23 12.99 -3.36
CA ALA A 236 -5.75 14.04 -4.25
C ALA A 236 -6.88 14.95 -4.69
N PHE A 237 -7.98 14.37 -5.15
CA PHE A 237 -9.07 15.22 -5.63
C PHE A 237 -9.95 15.79 -4.52
N ARG A 238 -9.96 15.15 -3.35
CA ARG A 238 -10.63 15.74 -2.18
C ARG A 238 -9.88 17.02 -1.83
N THR A 239 -8.56 16.93 -1.90
CA THR A 239 -7.68 18.08 -1.64
C THR A 239 -7.92 19.17 -2.67
N PHE A 240 -8.05 18.78 -3.93
CA PHE A 240 -8.37 19.75 -4.96
C PHE A 240 -9.65 20.54 -4.63
N GLU A 241 -10.69 19.87 -4.12
CA GLU A 241 -11.91 20.60 -3.73
C GLU A 241 -11.58 21.73 -2.77
N GLN A 242 -10.54 21.54 -1.97
CA GLN A 242 -10.23 22.52 -0.92
C GLN A 242 -9.39 23.67 -1.45
N VAL A 243 -8.47 23.37 -2.36
CA VAL A 243 -7.50 24.37 -2.79
C VAL A 243 -7.68 24.88 -4.22
N TRP A 244 -8.78 24.53 -4.88
CA TRP A 244 -8.87 24.87 -6.31
C TRP A 244 -8.72 26.37 -6.60
N GLU A 245 -9.33 27.22 -5.78
CA GLU A 245 -9.27 28.67 -6.03
C GLU A 245 -7.85 29.21 -5.87
N GLU A 246 -7.06 28.53 -5.06
CA GLU A 246 -5.67 28.89 -4.80
C GLU A 246 -4.85 28.55 -6.03
N ILE A 247 -5.07 27.35 -6.57
CA ILE A 247 -4.45 26.95 -7.82
C ILE A 247 -4.83 27.90 -8.96
N VAL A 248 -6.12 28.25 -9.08
CA VAL A 248 -6.54 29.19 -10.13
C VAL A 248 -5.81 30.52 -9.99
N THR A 249 -5.65 30.98 -8.76
CA THR A 249 -4.88 32.20 -8.49
C THR A 249 -3.41 32.06 -8.91
N ASP A 250 -2.79 30.93 -8.55
CA ASP A 250 -1.39 30.72 -8.93
C ASP A 250 -1.23 30.78 -10.45
N ILE A 251 -2.15 30.15 -11.16
CA ILE A 251 -2.08 30.14 -12.61
C ILE A 251 -2.29 31.52 -13.19
N LYS A 252 -3.30 32.24 -12.69
CA LYS A 252 -3.59 33.58 -13.19
C LYS A 252 -2.41 34.52 -12.98
N ASP A 253 -1.79 34.43 -11.81
CA ASP A 253 -0.68 35.33 -11.48
C ASP A 253 0.67 34.81 -11.97
N GLY A 254 0.75 33.52 -12.24
CA GLY A 254 2.03 32.94 -12.62
C GLY A 254 3.01 32.95 -11.45
N VAL A 255 2.46 32.80 -10.24
CA VAL A 255 3.24 32.81 -9.01
C VAL A 255 2.78 31.63 -8.13
N LEU A 256 3.73 30.84 -7.62
CA LEU A 256 3.40 29.69 -6.77
C LEU A 256 2.93 30.12 -5.38
N SER A 257 1.83 29.53 -4.92
CA SER A 257 1.27 29.83 -3.59
C SER A 257 2.30 29.77 -2.46
N ASN A 258 2.19 30.68 -1.50
CA ASN A 258 3.13 30.71 -0.38
C ASN A 258 3.03 29.49 0.52
N ARG A 259 1.97 28.70 0.32
CA ARG A 259 1.82 27.39 0.95
C ARG A 259 3.06 26.53 0.70
N ILE A 260 3.72 26.78 -0.43
CA ILE A 260 4.88 25.97 -0.79
C ILE A 260 6.14 26.64 -0.27
N THR A 261 6.81 25.99 0.67
CA THR A 261 7.96 26.58 1.34
C THR A 261 9.25 25.84 1.04
N VAL A 262 9.17 24.60 0.55
CA VAL A 262 10.40 23.86 0.21
C VAL A 262 11.09 24.57 -0.96
N PRO A 263 12.30 25.10 -0.74
CA PRO A 263 12.94 25.96 -1.74
C PRO A 263 13.20 25.26 -3.10
N SER A 264 13.65 24.02 -3.09
CA SER A 264 13.88 23.31 -4.35
C SER A 264 12.58 23.11 -5.13
N VAL A 265 11.47 22.92 -4.41
CA VAL A 265 10.17 22.79 -5.04
C VAL A 265 9.71 24.15 -5.63
N ARG A 266 9.83 25.22 -4.85
CA ARG A 266 9.50 26.55 -5.38
C ARG A 266 10.29 26.85 -6.65
N THR A 267 11.59 26.56 -6.60
CA THR A 267 12.46 26.79 -7.76
C THR A 267 11.98 26.01 -8.98
N ALA A 268 11.69 24.72 -8.81
CA ALA A 268 11.32 23.90 -9.94
C ALA A 268 9.98 24.32 -10.53
N MET A 269 9.00 24.54 -9.66
CA MET A 269 7.66 24.93 -10.10
C MET A 269 7.63 26.32 -10.75
N SER A 270 8.52 27.21 -10.35
CA SER A 270 8.54 28.57 -10.87
C SER A 270 8.90 28.60 -12.35
N LYS A 271 9.69 27.62 -12.78
CA LYS A 271 10.09 27.50 -14.18
C LYS A 271 8.88 27.15 -15.06
N LEU A 272 7.82 26.63 -14.45
CA LEU A 272 6.62 26.23 -15.17
C LEU A 272 5.55 27.32 -15.14
N LEU A 273 5.77 28.35 -14.33
CA LEU A 273 4.73 29.35 -14.10
C LEU A 273 4.99 30.70 -14.79
N THR A 274 4.00 31.13 -15.56
CA THR A 274 4.00 32.47 -16.15
C THR A 274 2.54 32.91 -16.10
N PRO A 275 2.28 34.23 -16.02
CA PRO A 275 0.88 34.65 -15.82
C PRO A 275 -0.01 34.17 -16.96
N ASN A 276 -1.07 33.43 -16.63
CA ASN A 276 -1.95 32.87 -17.63
C ASN A 276 -3.40 33.07 -17.22
N PRO A 277 -3.91 34.32 -17.27
CA PRO A 277 -5.31 34.56 -16.87
C PRO A 277 -6.31 33.76 -17.71
N GLU A 278 -6.00 33.50 -18.97
CA GLU A 278 -6.88 32.70 -19.81
C GLU A 278 -7.06 31.28 -19.28
N LEU A 279 -5.96 30.57 -19.04
CA LEU A 279 -6.09 29.22 -18.50
C LEU A 279 -6.83 29.25 -17.16
N ALA A 280 -6.47 30.21 -16.32
CA ALA A 280 -7.11 30.36 -15.00
C ALA A 280 -8.62 30.48 -15.11
N GLU A 281 -9.08 31.35 -16.00
CA GLU A 281 -10.49 31.53 -16.27
C GLU A 281 -11.14 30.23 -16.74
N THR A 282 -10.45 29.49 -17.61
CA THR A 282 -11.02 28.24 -18.12
C THR A 282 -11.26 27.29 -16.96
N ILE A 283 -10.27 27.20 -16.08
CA ILE A 283 -10.35 26.30 -14.96
C ILE A 283 -11.45 26.72 -13.98
N ARG A 284 -11.53 28.02 -13.72
CA ARG A 284 -12.54 28.51 -12.78
C ARG A 284 -13.95 28.23 -13.30
N THR A 285 -14.19 28.55 -14.57
CA THR A 285 -15.49 28.31 -15.19
C THR A 285 -15.82 26.81 -15.13
N LYS A 286 -14.83 25.98 -15.43
CA LYS A 286 -15.03 24.54 -15.42
C LYS A 286 -15.42 24.03 -14.02
N CYS A 287 -14.67 24.44 -13.00
CA CYS A 287 -14.96 23.95 -11.65
C CYS A 287 -16.35 24.32 -11.20
N MET A 288 -16.73 25.57 -11.46
CA MET A 288 -18.03 26.07 -11.02
C MET A 288 -19.15 25.38 -11.75
N SER A 289 -18.84 24.76 -12.88
CA SER A 289 -19.88 24.09 -13.66
C SER A 289 -20.23 22.72 -13.07
N LEU A 290 -19.39 22.20 -12.18
CA LEU A 290 -19.57 20.82 -11.72
C LEU A 290 -20.61 20.74 -10.62
N SER A 291 -21.19 19.56 -10.43
CA SER A 291 -22.19 19.37 -9.38
C SER A 291 -21.60 18.46 -8.30
N ASN A 292 -21.35 19.01 -7.12
CA ASN A 292 -20.65 18.29 -6.07
C ASN A 292 -19.39 17.60 -6.59
N TRP A 293 -18.67 18.27 -7.50
CA TRP A 293 -17.41 17.76 -8.07
C TRP A 293 -17.54 16.47 -8.91
N TYR A 294 -18.76 16.10 -9.30
CA TYR A 294 -18.93 14.92 -10.14
C TYR A 294 -18.13 15.11 -11.43
N GLY A 295 -17.37 14.10 -11.82
CA GLY A 295 -16.66 14.15 -13.10
C GLY A 295 -15.52 15.16 -13.13
N LEU A 296 -15.00 15.49 -11.95
CA LEU A 296 -13.86 16.42 -11.85
C LEU A 296 -12.66 16.01 -12.70
N ILE A 297 -12.35 14.72 -12.73
CA ILE A 297 -11.14 14.28 -13.42
C ILE A 297 -11.22 14.50 -14.94
N PRO A 298 -12.26 13.98 -15.59
CA PRO A 298 -12.34 14.23 -17.04
C PRO A 298 -12.56 15.71 -17.36
N ALA A 299 -13.15 16.47 -16.43
CA ALA A 299 -13.34 17.91 -16.68
C ALA A 299 -11.99 18.62 -16.74
N LEU A 300 -11.10 18.26 -15.83
CA LEU A 300 -9.79 18.90 -15.78
C LEU A 300 -8.90 18.41 -16.91
N PHE A 301 -9.07 17.13 -17.26
CA PHE A 301 -8.18 16.47 -18.19
C PHE A 301 -9.01 15.82 -19.28
N PRO A 302 -9.44 16.62 -20.26
CA PRO A 302 -10.42 16.13 -21.24
C PRO A 302 -9.84 15.12 -22.21
N ASN A 303 -8.53 14.92 -22.18
CA ASN A 303 -7.92 13.92 -23.05
C ASN A 303 -7.41 12.68 -22.32
N ALA A 304 -7.66 12.61 -21.02
CA ALA A 304 -7.28 11.42 -20.24
C ALA A 304 -8.13 10.23 -20.69
N LYS A 305 -7.50 9.06 -20.86
CA LYS A 305 -8.22 7.86 -21.31
C LYS A 305 -8.69 6.97 -20.16
N TYR A 306 -8.06 7.12 -19.00
CA TYR A 306 -8.36 6.26 -17.87
C TYR A 306 -7.68 6.76 -16.60
N VAL A 307 -8.13 6.21 -15.47
CA VAL A 307 -7.51 6.45 -14.19
C VAL A 307 -6.92 5.10 -13.76
N TYR A 308 -5.72 5.13 -13.20
CA TYR A 308 -4.92 3.92 -12.99
C TYR A 308 -4.40 3.89 -11.55
N GLY A 309 -4.52 2.75 -10.89
CA GLY A 309 -4.07 2.60 -9.51
C GLY A 309 -4.60 1.30 -8.93
N ILE A 310 -4.19 0.97 -7.71
CA ILE A 310 -4.71 -0.23 -7.05
C ILE A 310 -6.16 0.01 -6.60
N MET A 311 -7.08 -0.80 -7.15
CA MET A 311 -8.52 -0.59 -6.98
C MET A 311 -9.16 -1.70 -6.17
N THR A 312 -8.35 -2.68 -5.77
CA THR A 312 -8.86 -3.95 -5.25
C THR A 312 -8.45 -4.16 -3.79
N GLY A 313 -8.98 -5.20 -3.16
CA GLY A 313 -8.64 -5.51 -1.78
C GLY A 313 -8.98 -4.37 -0.82
N SER A 314 -7.99 -3.88 -0.10
CA SER A 314 -8.22 -2.82 0.89
C SER A 314 -8.67 -1.52 0.23
N MET A 315 -8.51 -1.42 -1.09
CA MET A 315 -8.90 -0.19 -1.78
C MET A 315 -10.37 -0.18 -2.22
N GLU A 316 -11.06 -1.29 -2.05
CA GLU A 316 -12.44 -1.39 -2.57
C GLU A 316 -13.38 -0.31 -2.00
N PRO A 317 -13.18 0.08 -0.73
CA PRO A 317 -14.06 1.09 -0.17
C PRO A 317 -13.88 2.47 -0.81
N TYR A 318 -12.77 2.68 -1.51
CA TYR A 318 -12.50 3.97 -2.13
C TYR A 318 -12.98 4.08 -3.57
N VAL A 319 -13.40 2.96 -4.14
CA VAL A 319 -13.84 2.97 -5.54
C VAL A 319 -15.09 3.83 -5.80
N PRO A 320 -16.09 3.79 -4.91
CA PRO A 320 -17.25 4.65 -5.21
C PRO A 320 -16.88 6.12 -5.33
N LYS A 321 -16.08 6.65 -4.40
CA LYS A 321 -15.72 8.07 -4.50
C LYS A 321 -14.81 8.33 -5.70
N LEU A 322 -13.93 7.37 -6.01
CA LEU A 322 -13.07 7.53 -7.17
C LEU A 322 -13.91 7.58 -8.45
N ARG A 323 -14.91 6.77 -8.56
CA ARG A 323 -15.80 6.79 -9.72
C ARG A 323 -16.53 8.10 -9.81
N HIS A 324 -16.87 8.59 -8.66
CA HIS A 324 -17.57 9.87 -8.65
C HIS A 324 -16.71 10.93 -9.35
N TYR A 325 -15.45 11.03 -8.94
CA TYR A 325 -14.55 12.03 -9.53
C TYR A 325 -14.20 11.66 -10.96
N ALA A 326 -14.20 10.36 -11.27
CA ALA A 326 -13.74 9.88 -12.57
C ALA A 326 -14.82 10.00 -13.65
N GLY A 327 -16.07 10.20 -13.23
CA GLY A 327 -17.17 10.25 -14.17
C GLY A 327 -17.20 8.93 -14.93
N ASP A 328 -17.25 8.99 -16.25
CA ASP A 328 -17.31 7.77 -17.06
C ASP A 328 -15.94 7.19 -17.46
N LEU A 329 -14.85 7.82 -17.02
CA LEU A 329 -13.51 7.27 -17.31
C LEU A 329 -13.30 5.86 -16.76
N PRO A 330 -12.67 4.98 -17.55
CA PRO A 330 -12.38 3.63 -17.03
C PRO A 330 -11.47 3.70 -15.80
N LEU A 331 -11.76 2.88 -14.80
CA LEU A 331 -10.84 2.66 -13.70
C LEU A 331 -10.05 1.39 -13.97
N VAL A 332 -8.74 1.51 -14.17
CA VAL A 332 -7.92 0.34 -14.53
C VAL A 332 -7.13 -0.10 -13.31
N SER A 333 -7.19 -1.39 -12.97
CA SER A 333 -6.57 -1.86 -11.75
C SER A 333 -5.05 -2.09 -11.90
N HIS A 334 -4.30 -1.50 -10.98
CA HIS A 334 -2.85 -1.62 -10.93
C HIS A 334 -2.53 -2.97 -10.31
N ASP A 335 -1.29 -3.42 -10.43
CA ASP A 335 -1.00 -4.84 -10.29
C ASP A 335 -0.83 -5.34 -8.86
N TYR A 336 -0.62 -6.64 -8.72
CA TYR A 336 -0.60 -7.29 -7.42
C TYR A 336 0.82 -7.57 -6.92
N GLY A 337 1.23 -6.83 -5.90
CA GLY A 337 2.52 -7.05 -5.27
C GLY A 337 2.60 -6.34 -3.93
N SER A 338 3.71 -6.52 -3.23
CA SER A 338 3.91 -5.86 -1.94
C SER A 338 5.41 -5.61 -1.73
N SER A 339 5.78 -5.20 -0.52
CA SER A 339 7.19 -4.96 -0.21
C SER A 339 7.99 -6.23 -0.41
N GLU A 340 7.32 -7.38 -0.31
CA GLU A 340 8.00 -8.66 -0.46
C GLU A 340 8.27 -9.02 -1.94
N GLY A 341 7.68 -8.26 -2.86
CA GLY A 341 7.85 -8.54 -4.29
C GLY A 341 6.57 -8.57 -5.11
N TRP A 342 6.72 -8.63 -6.44
CA TRP A 342 5.56 -8.69 -7.33
C TRP A 342 5.08 -10.11 -7.55
N ILE A 343 3.79 -10.28 -7.78
CA ILE A 343 3.24 -11.61 -7.96
C ILE A 343 2.49 -11.78 -9.29
N ALA A 344 1.63 -10.82 -9.63
CA ALA A 344 0.68 -10.97 -10.72
C ALA A 344 0.35 -9.66 -11.42
N ALA A 345 0.08 -9.77 -12.72
CA ALA A 345 -0.22 -8.58 -13.55
C ALA A 345 -1.66 -8.56 -14.05
N ASN A 346 -2.23 -7.37 -14.17
CA ASN A 346 -3.50 -7.22 -14.85
C ASN A 346 -3.27 -7.27 -16.35
N VAL A 347 -3.72 -8.34 -17.01
CA VAL A 347 -3.58 -8.46 -18.45
C VAL A 347 -4.95 -8.37 -19.12
N THR A 348 -5.96 -8.01 -18.35
CA THR A 348 -7.30 -7.80 -18.87
C THR A 348 -7.77 -6.43 -18.41
N PRO A 349 -7.07 -5.37 -18.82
CA PRO A 349 -7.25 -4.02 -18.26
C PRO A 349 -8.63 -3.42 -18.47
N ARG A 350 -9.39 -3.89 -19.44
CA ARG A 350 -10.73 -3.35 -19.69
C ARG A 350 -11.75 -3.74 -18.59
N LEU A 351 -11.40 -4.69 -17.74
CA LEU A 351 -12.32 -5.15 -16.70
C LEU A 351 -12.41 -4.18 -15.51
N SER A 352 -13.64 -3.95 -15.03
CA SER A 352 -13.87 -3.08 -13.89
C SER A 352 -13.18 -3.65 -12.66
N PRO A 353 -13.00 -2.80 -11.62
CA PRO A 353 -12.31 -3.27 -10.42
C PRO A 353 -13.04 -4.46 -9.79
N GLU A 354 -14.34 -4.64 -9.94
CA GLU A 354 -15.13 -5.76 -9.42
C GLU A 354 -14.83 -7.08 -10.13
N GLU A 355 -14.47 -6.89 -11.40
CA GLU A 355 -14.21 -8.09 -12.21
C GLU A 355 -12.72 -8.33 -12.39
N ALA A 356 -11.90 -7.44 -11.84
CA ALA A 356 -10.46 -7.49 -12.09
C ALA A 356 -9.80 -8.72 -11.48
N THR A 357 -8.94 -9.37 -12.26
CA THR A 357 -8.14 -10.49 -11.77
C THR A 357 -6.71 -10.29 -12.24
N PHE A 358 -5.77 -11.00 -11.63
CA PHE A 358 -4.36 -10.79 -11.91
C PHE A 358 -3.67 -12.08 -12.24
N ALA A 359 -2.95 -12.10 -13.36
CA ALA A 359 -2.32 -13.33 -13.83
C ALA A 359 -0.90 -13.43 -13.29
N VAL A 360 -0.58 -14.54 -12.63
CA VAL A 360 0.74 -14.67 -11.99
C VAL A 360 1.83 -14.67 -13.06
N ILE A 361 2.90 -13.91 -12.83
CA ILE A 361 4.01 -13.91 -13.78
C ILE A 361 5.03 -14.99 -13.39
N PRO A 362 5.17 -16.03 -14.22
CA PRO A 362 5.86 -17.26 -13.82
C PRO A 362 7.37 -17.13 -13.55
N ASN A 363 7.99 -16.03 -13.98
CA ASN A 363 9.41 -15.87 -13.69
C ASN A 363 9.72 -14.88 -12.55
N LEU A 364 8.69 -14.40 -11.86
CA LEU A 364 8.92 -13.42 -10.78
C LEU A 364 9.22 -14.10 -9.43
N GLY A 365 8.97 -15.39 -9.36
CA GLY A 365 9.28 -16.14 -8.15
C GLY A 365 8.83 -17.57 -8.30
N TYR A 366 9.14 -18.39 -7.29
CA TYR A 366 8.60 -19.75 -7.24
C TYR A 366 7.48 -19.68 -6.24
N PHE A 367 6.26 -19.74 -6.75
CA PHE A 367 5.08 -19.50 -5.92
C PHE A 367 4.43 -20.80 -5.48
N GLU A 368 4.02 -20.85 -4.21
CA GLU A 368 3.30 -22.01 -3.71
C GLU A 368 2.03 -21.55 -3.03
N PHE A 369 1.10 -22.48 -2.87
CA PHE A 369 -0.23 -22.12 -2.43
C PHE A 369 -0.73 -23.13 -1.42
N LEU A 370 -0.98 -22.64 -0.21
CA LEU A 370 -1.50 -23.43 0.88
C LEU A 370 -3.02 -23.45 0.83
N PRO A 371 -3.62 -24.64 0.64
CA PRO A 371 -5.08 -24.73 0.57
C PRO A 371 -5.70 -24.21 1.86
N VAL A 372 -6.78 -23.43 1.74
CA VAL A 372 -7.51 -22.92 2.91
C VAL A 372 -8.56 -23.93 3.37
N GLU A 380 -3.35 -28.67 5.53
CA GLU A 380 -3.05 -29.03 4.15
C GLU A 380 -1.71 -28.42 3.71
N LYS A 381 -0.96 -29.15 2.90
CA LYS A 381 0.35 -28.68 2.43
C LYS A 381 0.35 -28.07 1.01
N PRO A 382 1.35 -27.21 0.72
CA PRO A 382 1.34 -26.28 -0.43
C PRO A 382 1.43 -26.96 -1.79
N VAL A 383 0.76 -26.40 -2.79
CA VAL A 383 0.82 -26.92 -4.16
C VAL A 383 1.48 -25.93 -5.11
N GLY A 384 1.92 -26.43 -6.26
CA GLY A 384 2.60 -25.61 -7.23
C GLY A 384 1.67 -24.69 -8.01
N LEU A 385 2.26 -23.72 -8.70
CA LEU A 385 1.50 -22.70 -9.42
C LEU A 385 0.47 -23.30 -10.38
N THR A 386 0.86 -24.35 -11.08
CA THR A 386 -0.02 -24.91 -12.09
C THR A 386 -0.90 -26.02 -11.50
N GLN A 387 -0.82 -26.19 -10.19
CA GLN A 387 -1.59 -27.23 -9.49
C GLN A 387 -2.85 -26.68 -8.83
N VAL A 388 -2.94 -25.36 -8.70
CA VAL A 388 -4.07 -24.75 -8.01
C VAL A 388 -5.37 -24.96 -8.78
N LYS A 389 -6.49 -24.89 -8.08
CA LYS A 389 -7.78 -25.29 -8.65
C LYS A 389 -8.74 -24.10 -8.74
N ILE A 390 -9.40 -23.98 -9.88
CA ILE A 390 -10.34 -22.88 -10.10
C ILE A 390 -11.42 -22.92 -9.03
N GLY A 391 -11.67 -21.77 -8.39
CA GLY A 391 -12.70 -21.67 -7.36
C GLY A 391 -12.20 -21.91 -5.94
N GLU A 392 -10.96 -22.37 -5.79
CA GLU A 392 -10.41 -22.63 -4.45
C GLU A 392 -9.63 -21.43 -3.92
N GLU A 393 -9.51 -21.33 -2.59
CA GLU A 393 -8.74 -20.27 -1.96
C GLU A 393 -7.46 -20.83 -1.36
N TYR A 394 -6.38 -20.06 -1.46
CA TYR A 394 -5.07 -20.48 -0.95
C TYR A 394 -4.37 -19.32 -0.28
N GLU A 395 -3.54 -19.60 0.73
CA GLU A 395 -2.56 -18.59 1.17
C GLU A 395 -1.33 -18.65 0.25
N VAL A 396 -0.85 -17.47 -0.16
CA VAL A 396 0.31 -17.36 -1.04
C VAL A 396 1.62 -17.59 -0.28
N VAL A 397 2.49 -18.41 -0.87
CA VAL A 397 3.82 -18.66 -0.32
C VAL A 397 4.84 -18.22 -1.37
N ILE A 398 5.81 -17.40 -0.94
CA ILE A 398 6.75 -16.78 -1.87
C ILE A 398 8.19 -17.24 -1.71
N THR A 399 8.81 -17.58 -2.84
CA THR A 399 10.26 -17.76 -2.91
C THR A 399 10.71 -16.84 -4.05
N ASN A 400 11.57 -15.88 -3.76
CA ASN A 400 11.94 -14.93 -4.81
C ASN A 400 13.32 -14.34 -4.56
N TYR A 401 13.62 -13.23 -5.23
CA TYR A 401 14.97 -12.68 -5.14
C TYR A 401 15.13 -11.67 -3.99
N ALA A 402 14.17 -11.63 -3.08
CA ALA A 402 14.22 -10.70 -1.96
C ALA A 402 14.76 -11.35 -0.69
N GLY A 403 15.44 -12.49 -0.83
CA GLY A 403 15.93 -13.22 0.32
C GLY A 403 14.85 -14.04 1.00
N LEU A 404 13.75 -14.27 0.28
CA LEU A 404 12.58 -14.95 0.84
C LEU A 404 12.44 -16.37 0.27
N TYR A 405 12.48 -17.37 1.13
CA TYR A 405 12.39 -18.76 0.68
C TYR A 405 11.21 -19.46 1.36
N ARG A 406 10.21 -19.84 0.56
CA ARG A 406 8.96 -20.42 1.09
C ARG A 406 8.36 -19.56 2.20
N TYR A 407 8.24 -18.27 1.91
CA TYR A 407 7.77 -17.30 2.87
C TYR A 407 6.25 -17.17 2.81
N ARG A 408 5.62 -17.29 3.97
CA ARG A 408 4.18 -17.11 4.09
C ARG A 408 3.81 -15.63 4.02
N LEU A 409 3.17 -15.23 2.92
CA LEU A 409 2.80 -13.84 2.70
C LEU A 409 1.64 -13.42 3.61
N GLY A 410 0.76 -14.36 3.92
CA GLY A 410 -0.39 -14.05 4.74
C GLY A 410 -1.58 -13.60 3.91
N ASP A 411 -1.38 -13.41 2.61
CA ASP A 411 -2.49 -13.09 1.72
C ASP A 411 -3.23 -14.35 1.28
N VAL A 412 -4.56 -14.32 1.37
CA VAL A 412 -5.38 -15.40 0.84
C VAL A 412 -5.97 -14.96 -0.51
N VAL A 413 -5.82 -15.80 -1.52
CA VAL A 413 -6.30 -15.48 -2.86
C VAL A 413 -7.27 -16.55 -3.34
N LYS A 414 -8.14 -16.18 -4.29
CA LYS A 414 -8.99 -17.14 -4.98
C LYS A 414 -8.59 -17.28 -6.45
N VAL A 415 -8.56 -18.51 -6.95
CA VAL A 415 -8.24 -18.75 -8.35
C VAL A 415 -9.51 -18.61 -9.19
N ILE A 416 -9.53 -17.59 -10.05
CA ILE A 416 -10.71 -17.27 -10.85
C ILE A 416 -10.69 -18.02 -12.18
N GLY A 417 -9.50 -18.30 -12.68
CA GLY A 417 -9.35 -19.02 -13.92
C GLY A 417 -7.89 -19.09 -14.31
N PHE A 418 -7.64 -19.58 -15.52
CA PHE A 418 -6.27 -19.65 -16.04
C PHE A 418 -6.11 -18.82 -17.33
N TYR A 419 -5.02 -18.08 -17.41
CA TYR A 419 -4.59 -17.43 -18.65
C TYR A 419 -3.41 -18.18 -19.26
N ASN A 420 -3.66 -18.96 -20.32
CA ASN A 420 -2.80 -20.08 -20.70
C ASN A 420 -2.63 -20.89 -19.41
N ASN A 421 -1.40 -21.25 -19.04
CA ASN A 421 -1.20 -22.19 -17.92
C ASN A 421 -0.96 -21.55 -16.55
N THR A 422 -1.10 -20.24 -16.46
CA THR A 422 -0.91 -19.52 -15.21
C THR A 422 -2.28 -19.15 -14.62
N PRO A 423 -2.41 -19.25 -13.29
CA PRO A 423 -3.68 -18.92 -12.64
C PRO A 423 -3.94 -17.42 -12.60
N GLN A 424 -5.21 -17.04 -12.68
CA GLN A 424 -5.63 -15.65 -12.48
C GLN A 424 -6.22 -15.52 -11.08
N LEU A 425 -5.70 -14.58 -10.32
CA LEU A 425 -5.99 -14.51 -8.90
C LEU A 425 -6.83 -13.31 -8.53
N LYS A 426 -7.65 -13.51 -7.50
CA LYS A 426 -8.35 -12.42 -6.85
C LYS A 426 -7.94 -12.41 -5.37
N PHE A 427 -7.55 -11.24 -4.88
CA PHE A 427 -7.18 -11.12 -3.47
C PHE A 427 -8.41 -11.30 -2.60
N ILE A 428 -8.33 -12.14 -1.57
CA ILE A 428 -9.48 -12.33 -0.70
C ILE A 428 -9.35 -11.63 0.66
N CYS A 429 -8.30 -11.93 1.41
CA CYS A 429 -8.13 -11.34 2.74
C CYS A 429 -6.70 -11.52 3.24
N ARG A 430 -6.37 -10.86 4.35
CA ARG A 430 -5.03 -10.93 4.91
C ARG A 430 -5.15 -11.59 6.28
N ARG A 431 -4.47 -12.70 6.50
CA ARG A 431 -4.65 -13.42 7.76
C ARG A 431 -4.25 -12.55 8.95
N ASN A 432 -4.97 -12.66 10.06
CA ASN A 432 -4.56 -12.03 11.30
C ASN A 432 -4.72 -10.51 11.31
N LEU A 433 -5.34 -9.96 10.27
CA LEU A 433 -5.61 -8.53 10.24
C LEU A 433 -6.95 -8.19 10.92
N ILE A 434 -6.96 -7.22 11.83
CA ILE A 434 -8.20 -6.78 12.46
C ILE A 434 -8.46 -5.30 12.24
N LEU A 435 -7.40 -4.53 12.06
CA LEU A 435 -7.50 -3.08 11.91
C LEU A 435 -6.90 -2.60 10.59
N SER A 436 -7.75 -2.05 9.72
CA SER A 436 -7.31 -1.53 8.43
C SER A 436 -8.32 -0.52 7.89
N ILE A 437 -7.80 0.61 7.43
CA ILE A 437 -8.61 1.59 6.72
C ILE A 437 -8.15 1.58 5.26
N ASN A 438 -6.87 1.91 5.04
CA ASN A 438 -6.31 1.85 3.69
C ASN A 438 -5.06 0.99 3.56
N ILE A 439 -3.89 1.59 3.80
CA ILE A 439 -2.62 0.88 3.71
C ILE A 439 -2.08 0.38 5.05
N ASP A 440 -2.77 0.74 6.13
CA ASP A 440 -2.40 0.28 7.47
C ASP A 440 -2.75 -1.20 7.63
N LYS A 441 -1.95 -1.92 8.42
CA LYS A 441 -2.26 -3.32 8.70
C LYS A 441 -1.91 -3.58 10.15
N ASN A 442 -2.92 -3.78 10.98
CA ASN A 442 -2.67 -4.04 12.39
C ASN A 442 -3.41 -5.27 12.88
N THR A 443 -2.76 -6.02 13.77
CA THR A 443 -3.26 -7.27 14.30
C THR A 443 -3.68 -7.10 15.76
N GLU A 444 -4.23 -8.17 16.34
CA GLU A 444 -4.58 -8.17 17.76
C GLU A 444 -3.37 -7.84 18.62
N ARG A 445 -2.23 -8.41 18.26
CA ARG A 445 -0.98 -8.18 18.99
C ARG A 445 -0.59 -6.72 18.93
N ASP A 446 -0.74 -6.09 17.77
CA ASP A 446 -0.41 -4.66 17.64
C ASP A 446 -1.31 -3.82 18.54
N LEU A 447 -2.61 -4.12 18.54
CA LEU A 447 -3.55 -3.39 19.41
C LEU A 447 -3.18 -3.61 20.87
N GLN A 448 -2.97 -4.86 21.24
CA GLN A 448 -2.63 -5.17 22.63
C GLN A 448 -1.36 -4.43 23.06
N LEU A 449 -0.36 -4.36 22.17
CA LEU A 449 0.87 -3.64 22.47
C LEU A 449 0.65 -2.13 22.64
N SER A 450 -0.20 -1.55 21.79
CA SER A 450 -0.51 -0.13 21.92
C SER A 450 -1.21 0.15 23.25
N VAL A 451 -2.15 -0.72 23.61
CA VAL A 451 -2.85 -0.60 24.89
C VAL A 451 -1.88 -0.69 26.06
N GLU A 452 -1.04 -1.73 26.06
CA GLU A 452 -0.03 -1.89 27.10
C GLU A 452 0.93 -0.68 27.19
N SER A 453 1.25 -0.08 26.06
CA SER A 453 2.09 1.13 26.08
C SER A 453 1.37 2.28 26.78
N ALA A 454 0.17 2.59 26.31
CA ALA A 454 -0.62 3.69 26.85
C ALA A 454 -1.00 3.46 28.30
N ALA A 455 -1.12 2.19 28.70
CA ALA A 455 -1.50 1.85 30.07
C ALA A 455 -0.45 2.26 31.09
N LYS A 456 0.80 2.44 30.70
CA LYS A 456 1.77 2.83 31.72
C LYS A 456 1.63 4.28 32.19
N ARG A 457 1.05 5.14 31.35
CA ARG A 457 0.64 6.48 31.77
C ARG A 457 -0.36 6.33 32.90
N LEU A 458 -1.30 5.40 32.73
CA LEU A 458 -2.29 5.09 33.77
C LEU A 458 -1.67 4.50 35.04
N SER A 459 -0.71 3.59 34.87
CA SER A 459 -0.06 2.97 36.04
C SER A 459 0.56 4.03 36.94
N GLU A 460 0.94 5.17 36.35
CA GLU A 460 1.50 6.26 37.16
C GLU A 460 0.49 6.73 38.20
N GLU A 461 -0.79 6.52 37.89
CA GLU A 461 -1.88 6.98 38.74
C GLU A 461 -2.49 5.84 39.54
N LYS A 462 -1.83 4.69 39.53
CA LYS A 462 -2.33 3.53 40.27
C LYS A 462 -3.65 3.06 39.68
N ILE A 463 -3.80 3.22 38.37
CA ILE A 463 -5.01 2.84 37.68
C ILE A 463 -4.68 1.80 36.62
N GLU A 464 -5.61 0.87 36.40
CA GLU A 464 -5.37 -0.23 35.46
C GLU A 464 -6.43 -0.28 34.37
N VAL A 465 -6.07 -0.89 33.25
CA VAL A 465 -7.01 -1.12 32.16
C VAL A 465 -7.76 -2.42 32.46
N ILE A 466 -9.08 -2.31 32.66
CA ILE A 466 -9.91 -3.48 32.94
C ILE A 466 -10.08 -4.34 31.68
N ASP A 467 -10.42 -3.70 30.57
CA ASP A 467 -10.48 -4.41 29.30
C ASP A 467 -10.53 -3.39 28.19
N PHE A 468 -10.49 -3.86 26.96
CA PHE A 468 -10.40 -2.95 25.84
C PHE A 468 -10.93 -3.60 24.56
N SER A 469 -11.34 -2.78 23.60
CA SER A 469 -11.67 -3.29 22.28
C SER A 469 -11.48 -2.14 21.34
N SER A 470 -11.92 -2.30 20.09
CA SER A 470 -11.72 -1.25 19.12
C SER A 470 -12.74 -1.37 18.00
N TYR A 471 -12.67 -0.42 17.08
CA TYR A 471 -13.70 -0.27 16.06
C TYR A 471 -13.15 0.67 15.01
N ILE A 472 -13.38 0.34 13.74
CA ILE A 472 -12.98 1.22 12.66
C ILE A 472 -14.11 2.20 12.37
N ASP A 473 -13.91 3.48 12.72
CA ASP A 473 -14.93 4.48 12.50
C ASP A 473 -14.73 5.14 11.13
N VAL A 474 -15.56 4.75 10.19
CA VAL A 474 -15.51 5.36 8.86
C VAL A 474 -16.72 6.27 8.61
N SER A 475 -17.26 6.84 9.68
CA SER A 475 -18.28 7.89 9.53
C SER A 475 -17.57 9.22 9.29
N THR A 476 -16.31 9.29 9.74
CA THR A 476 -15.49 10.48 9.54
C THR A 476 -14.74 10.41 8.21
N ASP A 477 -14.34 11.57 7.70
CA ASP A 477 -13.48 11.61 6.52
C ASP A 477 -12.23 12.39 6.88
N PRO A 478 -11.09 11.68 6.94
CA PRO A 478 -11.02 10.24 6.69
C PRO A 478 -11.41 9.43 7.91
N GLY A 479 -11.55 8.12 7.74
CA GLY A 479 -11.84 7.26 8.86
C GLY A 479 -10.71 7.28 9.88
N HIS A 480 -10.98 6.77 11.07
CA HIS A 480 -9.97 6.69 12.11
C HIS A 480 -10.22 5.49 13.02
N TYR A 481 -9.21 5.12 13.78
CA TYR A 481 -9.30 4.07 14.78
C TYR A 481 -10.02 4.61 16.02
N ALA A 482 -10.98 3.86 16.54
CA ALA A 482 -11.57 4.17 17.85
C ALA A 482 -11.25 3.04 18.82
N ILE A 483 -10.63 3.37 19.95
CA ILE A 483 -10.30 2.37 20.95
C ILE A 483 -11.24 2.53 22.14
N PHE A 484 -11.87 1.43 22.57
CA PHE A 484 -12.70 1.43 23.79
C PHE A 484 -11.88 0.94 24.97
N TRP A 485 -11.94 1.69 26.07
CA TRP A 485 -11.26 1.34 27.32
C TRP A 485 -12.23 1.38 28.48
N GLU A 486 -12.16 0.40 29.37
CA GLU A 486 -12.71 0.55 30.70
C GLU A 486 -11.53 0.53 31.68
N ILE A 487 -11.48 1.51 32.57
CA ILE A 487 -10.38 1.58 33.52
C ILE A 487 -10.86 1.39 34.95
N SER A 488 -9.92 1.12 35.86
CA SER A 488 -10.25 0.69 37.20
C SER A 488 -10.61 1.85 38.15
N GLY A 489 -10.43 3.08 37.69
CA GLY A 489 -10.73 4.24 38.50
C GLY A 489 -10.86 5.52 37.70
N GLU A 490 -11.35 6.57 38.36
CA GLU A 490 -11.47 7.88 37.73
C GLU A 490 -10.12 8.56 37.67
N THR A 491 -9.87 9.28 36.58
CA THR A 491 -8.64 10.06 36.47
C THR A 491 -8.93 11.37 35.69
N ASN A 492 -7.90 12.17 35.44
CA ASN A 492 -8.08 13.47 34.80
C ASN A 492 -8.08 13.44 33.27
N GLU A 493 -8.50 14.55 32.66
CA GLU A 493 -8.50 14.67 31.21
C GLU A 493 -7.07 14.59 30.67
N ASP A 494 -6.14 15.22 31.37
CA ASP A 494 -4.76 15.24 30.89
C ASP A 494 -4.18 13.82 30.79
N VAL A 495 -4.39 13.01 31.82
CA VAL A 495 -3.97 11.62 31.81
C VAL A 495 -4.59 10.88 30.61
N LEU A 496 -5.90 10.96 30.48
CA LEU A 496 -6.54 10.28 29.35
C LEU A 496 -6.10 10.83 27.99
N GLN A 497 -5.86 12.14 27.89
CA GLN A 497 -5.35 12.70 26.63
C GLN A 497 -4.01 12.04 26.28
N ASP A 498 -3.13 11.93 27.27
CA ASP A 498 -1.83 11.28 27.08
C ASP A 498 -1.97 9.83 26.62
N CYS A 499 -2.86 9.08 27.28
CA CYS A 499 -3.10 7.70 26.89
C CYS A 499 -3.51 7.63 25.44
N CYS A 500 -4.41 8.53 25.06
CA CYS A 500 -4.91 8.61 23.70
C CYS A 500 -3.79 8.90 22.70
N ASN A 501 -2.97 9.91 22.97
CA ASN A 501 -1.85 10.21 22.09
C ASN A 501 -0.91 9.01 22.00
N CYS A 502 -0.72 8.33 23.11
CA CYS A 502 0.22 7.22 23.15
C CYS A 502 -0.29 6.04 22.31
N LEU A 503 -1.59 5.76 22.40
CA LEU A 503 -2.17 4.68 21.60
C LEU A 503 -1.90 4.96 20.13
N ASP A 504 -2.08 6.22 19.73
CA ASP A 504 -1.89 6.64 18.34
C ASP A 504 -0.43 6.45 17.92
N ARG A 505 0.52 6.87 18.78
CA ARG A 505 1.94 6.77 18.42
C ARG A 505 2.47 5.34 18.56
N ALA A 506 1.78 4.50 19.32
CA ALA A 506 2.24 3.13 19.59
C ALA A 506 2.03 2.19 18.40
N PHE A 507 1.18 2.61 17.47
CA PHE A 507 1.02 1.87 16.21
C PHE A 507 2.12 2.27 15.22
N ILE A 508 3.21 1.51 15.23
CA ILE A 508 4.37 1.87 14.43
C ILE A 508 4.37 1.27 13.01
N ASP A 509 3.31 0.55 12.67
CA ASP A 509 3.26 -0.06 11.37
C ASP A 509 3.43 1.07 10.37
N ALA A 510 4.29 0.87 9.40
CA ALA A 510 4.65 1.92 8.44
C ALA A 510 3.45 2.41 7.63
N GLY A 511 2.52 1.51 7.35
CA GLY A 511 1.31 1.90 6.64
C GLY A 511 0.49 2.88 7.46
N TYR A 512 0.21 2.53 8.71
CA TYR A 512 -0.53 3.42 9.62
C TYR A 512 0.19 4.77 9.76
N VAL A 513 1.49 4.73 10.02
CA VAL A 513 2.25 5.98 10.19
C VAL A 513 2.23 6.83 8.93
N SER A 514 2.44 6.21 7.77
CA SER A 514 2.41 6.93 6.50
C SER A 514 1.06 7.63 6.25
N SER A 515 -0.04 6.94 6.57
CA SER A 515 -1.38 7.49 6.35
C SER A 515 -1.73 8.60 7.32
N ARG A 516 -1.38 8.41 8.59
CA ARG A 516 -1.61 9.46 9.58
C ARG A 516 -0.88 10.73 9.16
N LYS A 517 0.35 10.58 8.69
CA LYS A 517 1.13 11.74 8.23
C LYS A 517 0.51 12.37 6.98
N CYS A 518 0.08 11.55 6.04
CA CYS A 518 -0.54 12.06 4.81
C CYS A 518 -1.99 12.47 5.05
N LYS A 519 -2.45 12.30 6.30
CA LYS A 519 -3.82 12.63 6.69
C LYS A 519 -4.95 11.77 6.13
N THR A 520 -4.63 10.57 5.64
CA THR A 520 -5.62 9.71 5.01
C THR A 520 -6.20 8.78 6.05
N ILE A 521 -5.67 8.88 7.27
CA ILE A 521 -6.27 8.26 8.45
C ILE A 521 -6.30 9.34 9.53
N GLY A 522 -7.45 9.54 10.15
CA GLY A 522 -7.63 10.64 11.09
C GLY A 522 -7.10 10.37 12.49
N ALA A 523 -7.21 11.38 13.35
CA ALA A 523 -6.76 11.27 14.74
C ALA A 523 -7.40 10.05 15.41
N LEU A 524 -6.59 9.24 16.08
CA LEU A 524 -7.11 8.10 16.86
C LEU A 524 -8.02 8.64 17.95
N GLU A 525 -9.12 7.94 18.21
CA GLU A 525 -10.09 8.38 19.20
C GLU A 525 -10.10 7.41 20.35
N LEU A 526 -10.02 7.91 21.58
CA LEU A 526 -10.11 7.03 22.74
C LEU A 526 -11.47 7.23 23.39
N ARG A 527 -12.26 6.16 23.43
CA ARG A 527 -13.56 6.20 24.07
C ARG A 527 -13.52 5.43 25.39
N VAL A 528 -13.71 6.16 26.48
CA VAL A 528 -13.77 5.55 27.81
C VAL A 528 -15.20 5.14 28.14
N VAL A 529 -15.39 3.88 28.51
CA VAL A 529 -16.73 3.36 28.83
C VAL A 529 -16.94 3.25 30.34
N ALA A 530 -18.20 3.24 30.76
CA ALA A 530 -18.56 3.14 32.17
C ALA A 530 -18.12 1.81 32.79
N LYS A 531 -17.87 1.83 34.10
CA LYS A 531 -17.50 0.63 34.82
C LYS A 531 -18.57 -0.43 34.58
N GLY A 532 -18.12 -1.68 34.40
CA GLY A 532 -19.05 -2.79 34.21
C GLY A 532 -19.50 -2.97 32.77
N THR A 533 -18.96 -2.15 31.87
CA THR A 533 -19.33 -2.22 30.46
C THR A 533 -18.93 -3.55 29.81
N PHE A 534 -17.70 -3.99 30.06
CA PHE A 534 -17.23 -5.26 29.50
C PHE A 534 -17.87 -6.49 30.14
N ARG A 535 -18.24 -6.39 31.42
CA ARG A 535 -18.97 -7.49 32.04
C ARG A 535 -20.34 -7.65 31.39
N LYS A 536 -20.93 -6.53 30.98
CA LYS A 536 -22.22 -6.55 30.32
C LYS A 536 -22.14 -7.28 28.98
N ILE A 537 -21.00 -7.15 28.32
CA ILE A 537 -20.76 -7.89 27.09
C ILE A 537 -20.67 -9.39 27.40
N GLN A 538 -19.97 -9.74 28.49
CA GLN A 538 -19.95 -11.12 28.95
C GLN A 538 -21.36 -11.62 29.22
N GLU A 539 -22.13 -10.86 30.01
CA GLU A 539 -23.51 -11.20 30.33
C GLU A 539 -24.30 -11.47 29.06
N HIS A 540 -24.08 -10.65 28.03
CA HIS A 540 -24.77 -10.85 26.78
C HIS A 540 -24.49 -12.24 26.24
N PHE A 541 -23.21 -12.58 26.09
CA PHE A 541 -22.82 -13.88 25.54
C PHE A 541 -23.16 -15.06 26.45
N LEU A 542 -23.13 -14.85 27.76
CA LEU A 542 -23.46 -15.93 28.69
C LEU A 542 -24.96 -16.25 28.61
N GLY A 543 -25.78 -15.23 28.36
CA GLY A 543 -27.21 -15.42 28.26
C GLY A 543 -27.65 -16.05 26.95
N LEU A 544 -26.69 -16.33 26.07
CA LEU A 544 -26.98 -17.02 24.82
C LEU A 544 -26.62 -18.51 24.89
N GLY A 545 -25.67 -18.84 25.76
CA GLY A 545 -25.04 -20.15 25.75
C GLY A 545 -25.80 -21.27 26.45
N LYS A 552 -14.74 -14.98 24.82
CA LYS A 552 -13.69 -14.38 24.00
C LYS A 552 -14.07 -12.99 23.48
N MET A 553 -13.67 -11.97 24.23
CA MET A 553 -13.94 -10.58 23.87
C MET A 553 -13.39 -10.21 22.50
N PRO A 554 -14.27 -9.78 21.57
CA PRO A 554 -13.76 -9.30 20.28
C PRO A 554 -12.84 -8.10 20.49
N ARG A 555 -11.72 -8.04 19.75
CA ARG A 555 -10.76 -6.95 19.94
C ARG A 555 -10.96 -5.85 18.91
N CYS A 556 -11.68 -6.18 17.85
CA CYS A 556 -12.19 -5.15 16.93
C CYS A 556 -13.61 -5.57 16.62
N VAL A 557 -14.54 -4.67 16.87
CA VAL A 557 -15.95 -5.00 16.68
C VAL A 557 -16.34 -4.76 15.22
N LYS A 558 -16.80 -5.81 14.55
CA LYS A 558 -17.20 -5.67 13.15
C LYS A 558 -18.55 -4.95 13.06
N PRO A 559 -18.78 -4.24 11.95
CA PRO A 559 -20.03 -3.47 11.82
C PRO A 559 -21.30 -4.31 12.03
N SER A 560 -21.25 -5.59 11.67
CA SER A 560 -22.42 -6.46 11.80
C SER A 560 -22.66 -6.95 13.22
N ASN A 561 -21.69 -6.78 14.10
CA ASN A 561 -21.80 -7.22 15.50
C ASN A 561 -22.56 -6.18 16.33
N ALA A 562 -23.83 -5.97 15.97
CA ALA A 562 -24.61 -4.84 16.50
C ALA A 562 -24.80 -4.89 18.02
N LYS A 563 -25.07 -6.07 18.56
CA LYS A 563 -25.33 -6.20 20.00
C LYS A 563 -24.13 -5.72 20.82
N VAL A 564 -22.93 -6.10 20.40
CA VAL A 564 -21.74 -5.70 21.11
C VAL A 564 -21.45 -4.21 20.92
N LEU A 565 -21.62 -3.75 19.68
CA LEU A 565 -21.35 -2.35 19.39
C LEU A 565 -22.30 -1.49 20.23
N GLN A 566 -23.56 -1.92 20.29
CA GLN A 566 -24.59 -1.24 21.06
C GLN A 566 -24.22 -1.03 22.53
N ILE A 567 -23.75 -2.09 23.18
CA ILE A 567 -23.35 -2.01 24.58
C ILE A 567 -22.18 -1.05 24.79
N LEU A 568 -21.23 -1.06 23.87
CA LEU A 568 -20.08 -0.15 23.97
C LEU A 568 -20.51 1.33 23.82
N CYS A 569 -21.20 1.64 22.74
CA CYS A 569 -21.60 3.02 22.46
C CYS A 569 -22.48 3.64 23.55
N GLU A 570 -23.44 2.88 24.05
CA GLU A 570 -24.38 3.43 25.03
C GLU A 570 -23.72 3.63 26.40
N ASN A 571 -22.51 3.12 26.56
CA ASN A 571 -21.79 3.24 27.84
C ASN A 571 -20.55 4.12 27.77
N VAL A 572 -20.34 4.79 26.63
CA VAL A 572 -19.23 5.74 26.53
C VAL A 572 -19.52 6.93 27.44
N VAL A 573 -18.56 7.28 28.30
CA VAL A 573 -18.77 8.41 29.20
C VAL A 573 -17.86 9.58 28.82
N SER A 574 -16.81 9.31 28.06
CA SER A 574 -15.95 10.37 27.58
C SER A 574 -15.18 9.94 26.35
N SER A 575 -14.65 10.92 25.62
CA SER A 575 -14.07 10.71 24.31
C SER A 575 -12.89 11.65 24.11
N TYR A 576 -11.80 11.13 23.57
CA TYR A 576 -10.57 11.91 23.37
C TYR A 576 -10.05 11.71 21.96
N PHE A 577 -9.41 12.74 21.42
CA PHE A 577 -8.79 12.65 20.10
C PHE A 577 -7.31 12.96 20.14
N SER A 578 -6.51 12.07 19.53
CA SER A 578 -5.06 12.16 19.59
C SER A 578 -4.59 13.47 19.02
N THR A 579 -3.59 14.08 19.66
CA THR A 579 -2.97 15.29 19.12
C THR A 579 -1.61 14.92 18.54
N ALA A 580 -1.38 13.63 18.32
CA ALA A 580 -0.15 13.19 17.65
C ALA A 580 -0.21 13.56 16.16
N PHE A 581 0.92 13.41 15.47
CA PHE A 581 1.03 13.81 14.07
C PHE A 581 0.49 15.22 13.80
#